data_9HRR
#
_entry.id   9HRR
#
_cell.length_a   98.818
_cell.length_b   98.815
_cell.length_c   128.771
_cell.angle_alpha   90.00
_cell.angle_beta   90.00
_cell.angle_gamma   90.00
#
_symmetry.space_group_name_H-M   'I 2 2 2'
#
loop_
_entity.id
_entity.type
_entity.pdbx_description
1 polymer 'Oleoyl-acyl carrier protein thioesterase 1, chloroplastic'
2 non-polymer 'SULFATE ION'
3 water water
#
_entity_poly.entity_id   1
_entity_poly.type   'polypeptide(L)'
_entity_poly.pdbx_seq_one_letter_code
;MGSLTEDGLSYKEKFVVRSYEVGSNKTATVETIANLLQEVGCNHAQSVGFSTDGFATTTTMRKLHLIWVTARMHIEIYKY
PAWGDVVEIETWCQSEGRIGTRRDWILKDSVTGEVTGRATSKWVMMNQDTRRLQKVSDDVRDEYLVFCPQEPRLAFPEEN
NRSLKKIPKLEDPAQYSMIGLKPRRADLDMNQHVNNVTYIGWVLESIPQEIVDTHELQVITLDYRRECQQDDVVDSLTTT
TSEIGGTNGSATSGTQGHNDSQFLHLLRLSGDGQEINRGTTLWRKKPSSHHHHHH
;
_entity_poly.pdbx_strand_id   A,B
#
loop_
_chem_comp.id
_chem_comp.type
_chem_comp.name
_chem_comp.formula
SO4 non-polymer 'SULFATE ION' 'O4 S -2'
#
# COMPACT_ATOMS: atom_id res chain seq x y z
N GLY A 2 -11.70 15.83 4.60
CA GLY A 2 -11.77 16.72 3.44
C GLY A 2 -13.19 17.24 3.27
N SER A 3 -13.40 18.14 2.31
CA SER A 3 -14.77 18.54 2.04
C SER A 3 -14.86 19.25 0.69
N LEU A 4 -16.10 19.37 0.21
CA LEU A 4 -16.38 20.20 -0.96
C LEU A 4 -15.95 21.64 -0.67
N THR A 5 -15.49 22.34 -1.71
CA THR A 5 -15.27 23.78 -1.67
C THR A 5 -16.60 24.51 -1.55
N GLU A 6 -16.50 25.81 -1.30
CA GLU A 6 -17.63 26.69 -1.13
C GLU A 6 -18.71 26.51 -2.21
N ASP A 7 -18.31 26.50 -3.50
CA ASP A 7 -19.25 26.43 -4.60
C ASP A 7 -19.81 25.02 -4.84
N GLY A 8 -19.25 24.00 -4.16
CA GLY A 8 -19.70 22.62 -4.26
C GLY A 8 -19.25 21.94 -5.56
N LEU A 9 -18.35 22.57 -6.33
CA LEU A 9 -17.93 22.08 -7.65
C LEU A 9 -16.51 21.45 -7.64
N SER A 10 -15.85 21.41 -6.47
CA SER A 10 -14.56 20.70 -6.33
C SER A 10 -14.42 20.19 -4.91
N TYR A 11 -13.37 19.40 -4.66
CA TYR A 11 -13.21 18.72 -3.37
C TYR A 11 -11.76 18.80 -2.94
N LYS A 12 -11.53 19.10 -1.65
CA LYS A 12 -10.17 19.20 -1.13
C LYS A 12 -9.98 18.29 0.07
N GLU A 13 -8.76 17.74 0.18
CA GLU A 13 -8.38 16.84 1.27
C GLU A 13 -6.88 16.95 1.55
N LYS A 14 -6.54 16.80 2.83
CA LYS A 14 -5.17 16.88 3.31
C LYS A 14 -4.72 15.50 3.77
N PHE A 15 -3.46 15.19 3.52
CA PHE A 15 -2.88 13.89 3.84
C PHE A 15 -1.50 14.10 4.43
N VAL A 16 -1.20 13.32 5.46
CA VAL A 16 0.13 13.34 6.05
C VAL A 16 0.87 12.13 5.47
N VAL A 17 2.01 12.36 4.84
CA VAL A 17 2.77 11.27 4.22
C VAL A 17 3.28 10.29 5.30
N ARG A 18 3.02 8.98 5.10
CA ARG A 18 3.32 7.94 6.08
C ARG A 18 4.70 7.32 5.84
N SER A 19 5.25 6.68 6.89
CA SER A 19 6.57 6.06 6.87
C SER A 19 6.73 5.03 5.75
N TYR A 20 5.74 4.16 5.56
CA TYR A 20 5.82 3.09 4.55
C TYR A 20 5.46 3.60 3.15
N GLU A 21 5.10 4.89 3.02
CA GLU A 21 4.67 5.46 1.74
C GLU A 21 5.84 6.08 0.98
N VAL A 22 7.03 6.13 1.58
CA VAL A 22 8.15 6.86 0.99
C VAL A 22 9.22 5.90 0.49
N GLY A 23 10.01 6.39 -0.47
CA GLY A 23 11.11 5.64 -1.06
C GLY A 23 12.45 6.06 -0.45
N SER A 24 13.53 5.80 -1.21
CA SER A 24 14.87 5.85 -0.63
C SER A 24 15.35 7.28 -0.35
N ASN A 25 14.77 8.31 -0.97
CA ASN A 25 15.11 9.68 -0.57
C ASN A 25 14.10 10.26 0.43
N LYS A 26 13.29 9.41 1.07
CA LYS A 26 12.39 9.81 2.13
C LYS A 26 11.29 10.76 1.62
N THR A 27 10.92 10.67 0.33
CA THR A 27 9.74 11.36 -0.16
C THR A 27 8.76 10.32 -0.72
N ALA A 28 7.50 10.75 -0.87
CA ALA A 28 6.43 9.88 -1.37
C ALA A 28 6.76 9.33 -2.76
N THR A 29 6.51 8.03 -2.96
CA THR A 29 6.64 7.42 -4.28
C THR A 29 5.50 7.90 -5.19
N VAL A 30 5.63 7.66 -6.50
CA VAL A 30 4.60 8.12 -7.41
C VAL A 30 3.38 7.23 -7.21
N GLU A 31 3.59 5.99 -6.74
CA GLU A 31 2.47 5.12 -6.44
C GLU A 31 1.67 5.63 -5.23
N THR A 32 2.36 6.08 -4.18
CA THR A 32 1.68 6.73 -3.05
C THR A 32 0.85 7.91 -3.57
N ILE A 33 1.46 8.77 -4.38
CA ILE A 33 0.74 9.89 -4.95
C ILE A 33 -0.52 9.42 -5.68
N ALA A 34 -0.39 8.40 -6.54
CA ALA A 34 -1.52 7.94 -7.32
C ALA A 34 -2.61 7.36 -6.42
N ASN A 35 -2.23 6.68 -5.33
CA ASN A 35 -3.23 6.17 -4.38
C ASN A 35 -3.99 7.32 -3.74
N LEU A 36 -3.28 8.38 -3.38
CA LEU A 36 -3.88 9.58 -2.76
C LEU A 36 -4.85 10.24 -3.74
N LEU A 37 -4.50 10.32 -5.03
CA LEU A 37 -5.38 10.84 -6.06
C LEU A 37 -6.68 10.02 -6.10
N GLN A 38 -6.53 8.70 -6.01
CA GLN A 38 -7.70 7.85 -6.09
C GLN A 38 -8.55 8.00 -4.84
N GLU A 39 -7.93 8.12 -3.66
CA GLU A 39 -8.67 8.27 -2.42
C GLU A 39 -9.51 9.56 -2.48
N VAL A 40 -8.92 10.68 -2.95
CA VAL A 40 -9.64 11.95 -2.89
C VAL A 40 -10.74 11.93 -3.94
N GLY A 41 -10.51 11.24 -5.08
CA GLY A 41 -11.55 11.02 -6.07
C GLY A 41 -12.74 10.28 -5.47
N CYS A 42 -12.47 9.23 -4.68
CA CYS A 42 -13.53 8.44 -4.06
CA CYS A 42 -13.49 8.45 -4.01
C CYS A 42 -14.31 9.29 -3.04
N ASN A 43 -13.61 10.12 -2.27
CA ASN A 43 -14.23 10.94 -1.24
C ASN A 43 -15.12 12.01 -1.92
N HIS A 44 -14.67 12.59 -3.03
CA HIS A 44 -15.48 13.49 -3.83
C HIS A 44 -16.78 12.83 -4.29
N ALA A 45 -16.68 11.67 -4.95
CA ALA A 45 -17.84 10.90 -5.41
C ALA A 45 -18.83 10.61 -4.28
N GLN A 46 -18.32 10.23 -3.11
CA GLN A 46 -19.18 9.95 -1.96
C GLN A 46 -19.91 11.22 -1.55
N SER A 47 -19.21 12.36 -1.56
CA SER A 47 -19.79 13.60 -1.05
C SER A 47 -20.89 14.14 -1.96
N VAL A 48 -20.88 13.78 -3.24
CA VAL A 48 -21.89 14.32 -4.15
C VAL A 48 -22.96 13.28 -4.46
N GLY A 49 -22.92 12.13 -3.77
CA GLY A 49 -24.02 11.17 -3.81
C GLY A 49 -23.79 9.96 -4.71
N PHE A 50 -22.55 9.66 -5.13
CA PHE A 50 -22.32 8.46 -5.94
C PHE A 50 -22.37 7.21 -5.04
N SER A 51 -22.52 6.03 -5.66
CA SER A 51 -22.64 4.76 -4.93
C SER A 51 -21.45 4.57 -3.99
N GLY A 54 -19.90 -0.10 -4.31
CA GLY A 54 -18.48 -0.31 -4.63
C GLY A 54 -18.00 0.67 -5.69
N PHE A 55 -18.62 0.60 -6.87
CA PHE A 55 -18.27 1.47 -7.99
C PHE A 55 -18.87 2.86 -7.77
N ALA A 56 -18.30 3.84 -8.48
CA ALA A 56 -18.74 5.22 -8.40
C ALA A 56 -19.69 5.52 -9.56
N THR A 57 -20.85 4.87 -9.55
CA THR A 57 -21.83 4.98 -10.62
C THR A 57 -22.89 6.01 -10.23
N THR A 58 -23.65 6.46 -11.24
CA THR A 58 -24.88 7.22 -11.08
C THR A 58 -26.08 6.27 -11.16
N THR A 59 -27.30 6.82 -10.97
CA THR A 59 -28.52 6.05 -10.90
C THR A 59 -28.84 5.46 -12.27
N THR A 60 -28.74 6.29 -13.32
CA THR A 60 -28.97 5.80 -14.68
C THR A 60 -27.95 4.71 -14.99
N MET A 61 -26.69 4.89 -14.57
CA MET A 61 -25.66 3.92 -14.89
C MET A 61 -25.99 2.56 -14.27
N ARG A 62 -26.42 2.56 -13.00
CA ARG A 62 -26.79 1.33 -12.33
C ARG A 62 -27.95 0.67 -13.08
N LYS A 63 -28.89 1.49 -13.54
CA LYS A 63 -30.07 1.00 -14.25
C LYS A 63 -29.62 0.28 -15.54
N LEU A 64 -28.64 0.86 -16.24
CA LEU A 64 -28.17 0.31 -17.51
C LEU A 64 -26.94 -0.59 -17.35
N HIS A 65 -26.54 -0.95 -16.11
CA HIS A 65 -25.38 -1.78 -15.84
C HIS A 65 -24.09 -1.18 -16.43
N LEU A 66 -23.92 0.14 -16.32
CA LEU A 66 -22.73 0.78 -16.84
C LEU A 66 -21.80 1.14 -15.69
N ILE A 67 -20.49 1.12 -15.96
CA ILE A 67 -19.42 1.63 -15.11
C ILE A 67 -18.50 2.55 -15.91
N TRP A 68 -17.78 3.42 -15.19
CA TRP A 68 -16.61 4.14 -15.68
C TRP A 68 -15.34 3.31 -15.55
N VAL A 69 -14.49 3.30 -16.59
CA VAL A 69 -13.17 2.71 -16.52
C VAL A 69 -12.15 3.74 -16.98
N THR A 70 -10.92 3.62 -16.46
CA THR A 70 -9.85 4.54 -16.80
C THR A 70 -9.28 4.21 -18.18
N ALA A 71 -9.13 5.25 -19.01
CA ALA A 71 -8.50 5.13 -20.32
C ALA A 71 -7.06 5.64 -20.28
N ARG A 72 -6.83 6.72 -19.53
CA ARG A 72 -5.52 7.36 -19.46
C ARG A 72 -5.37 8.03 -18.12
N MET A 73 -4.13 7.98 -17.60
CA MET A 73 -3.69 8.68 -16.40
C MET A 73 -2.41 9.44 -16.74
N HIS A 74 -2.35 10.73 -16.41
CA HIS A 74 -1.18 11.56 -16.64
C HIS A 74 -0.86 12.35 -15.36
N ILE A 75 0.37 12.20 -14.87
CA ILE A 75 0.80 12.81 -13.62
C ILE A 75 2.11 13.56 -13.87
N GLU A 76 2.19 14.82 -13.39
CA GLU A 76 3.41 15.61 -13.39
CA GLU A 76 3.40 15.62 -13.41
C GLU A 76 3.73 16.04 -11.97
N ILE A 77 4.92 15.69 -11.48
CA ILE A 77 5.31 16.07 -10.13
C ILE A 77 6.50 17.02 -10.20
N TYR A 78 6.38 18.17 -9.51
CA TYR A 78 7.46 19.15 -9.39
C TYR A 78 8.25 18.90 -8.12
N LYS A 79 7.58 18.54 -7.03
CA LYS A 79 8.25 18.20 -5.79
C LYS A 79 7.44 17.11 -5.06
N TYR A 80 8.12 16.00 -4.71
CA TYR A 80 7.50 14.92 -3.95
C TYR A 80 7.48 15.31 -2.47
N PRO A 81 6.34 15.19 -1.75
CA PRO A 81 6.32 15.57 -0.34
C PRO A 81 7.13 14.62 0.54
N ALA A 82 7.79 15.17 1.57
CA ALA A 82 8.60 14.35 2.46
C ALA A 82 7.71 13.61 3.46
N TRP A 83 8.24 12.47 3.95
CA TRP A 83 7.74 11.80 5.14
C TRP A 83 7.36 12.82 6.23
N GLY A 84 6.13 12.74 6.73
CA GLY A 84 5.63 13.66 7.74
C GLY A 84 5.05 14.97 7.20
N ASP A 85 5.28 15.29 5.92
CA ASP A 85 4.74 16.52 5.35
C ASP A 85 3.24 16.37 5.11
N VAL A 86 2.55 17.50 5.04
CA VAL A 86 1.13 17.56 4.74
C VAL A 86 0.97 18.06 3.31
N VAL A 87 0.24 17.30 2.49
CA VAL A 87 -0.05 17.68 1.12
C VAL A 87 -1.57 17.92 1.00
N GLU A 88 -1.95 18.96 0.26
CA GLU A 88 -3.36 19.22 0.00
C GLU A 88 -3.66 18.91 -1.46
N ILE A 89 -4.72 18.13 -1.69
CA ILE A 89 -5.10 17.77 -3.04
C ILE A 89 -6.52 18.28 -3.31
N GLU A 90 -6.67 18.95 -4.45
CA GLU A 90 -7.96 19.42 -4.94
C GLU A 90 -8.28 18.66 -6.22
N THR A 91 -9.54 18.23 -6.34
CA THR A 91 -9.98 17.48 -7.50
C THR A 91 -11.36 17.97 -7.95
N TRP A 92 -11.62 17.73 -9.22
CA TRP A 92 -12.90 18.04 -9.84
C TRP A 92 -13.02 17.19 -11.12
N CYS A 93 -14.24 17.10 -11.64
CA CYS A 93 -14.55 16.37 -12.85
C CYS A 93 -15.19 17.27 -13.90
N GLN A 94 -15.08 16.88 -15.16
CA GLN A 94 -15.80 17.56 -16.23
C GLN A 94 -16.27 16.52 -17.24
N SER A 95 -17.43 16.73 -17.87
CA SER A 95 -17.85 15.86 -18.97
C SER A 95 -17.14 16.31 -20.24
N GLU A 96 -16.82 15.36 -21.12
CA GLU A 96 -16.24 15.69 -22.41
C GLU A 96 -17.19 15.23 -23.50
N GLY A 97 -18.41 15.77 -23.47
CA GLY A 97 -19.45 15.42 -24.44
C GLY A 97 -19.75 13.93 -24.37
N ARG A 98 -19.71 13.27 -25.52
CA ARG A 98 -20.14 11.88 -25.59
C ARG A 98 -18.92 10.96 -25.48
N ILE A 99 -17.71 11.54 -25.47
CA ILE A 99 -16.49 10.77 -25.47
C ILE A 99 -16.30 10.04 -24.14
N GLY A 100 -16.61 10.73 -23.03
CA GLY A 100 -16.28 10.25 -21.69
C GLY A 100 -16.20 11.43 -20.71
N THR A 101 -15.53 11.21 -19.58
CA THR A 101 -15.40 12.24 -18.57
C THR A 101 -13.92 12.36 -18.21
N ARG A 102 -13.58 13.42 -17.50
CA ARG A 102 -12.21 13.69 -17.07
C ARG A 102 -12.23 14.02 -15.59
N ARG A 103 -11.24 13.50 -14.84
CA ARG A 103 -11.02 13.91 -13.46
C ARG A 103 -9.65 14.55 -13.43
N ASP A 104 -9.57 15.75 -12.83
CA ASP A 104 -8.30 16.47 -12.69
C ASP A 104 -7.94 16.68 -11.21
N TRP A 105 -6.66 16.81 -10.91
CA TRP A 105 -6.18 17.06 -9.56
C TRP A 105 -5.08 18.12 -9.58
N ILE A 106 -4.98 18.89 -8.48
CA ILE A 106 -3.85 19.75 -8.18
C ILE A 106 -3.32 19.38 -6.81
N LEU A 107 -1.98 19.27 -6.69
CA LEU A 107 -1.33 18.96 -5.42
C LEU A 107 -0.58 20.19 -4.91
N LYS A 108 -0.76 20.53 -3.63
CA LYS A 108 -0.11 21.69 -3.04
C LYS A 108 0.59 21.31 -1.72
N ASP A 109 1.68 22.01 -1.42
CA ASP A 109 2.26 21.96 -0.08
C ASP A 109 1.34 22.81 0.79
N SER A 110 0.89 22.27 1.92
CA SER A 110 -0.14 22.98 2.66
C SER A 110 0.51 24.03 3.58
N VAL A 111 1.82 23.90 3.85
CA VAL A 111 2.58 24.92 4.57
C VAL A 111 2.81 26.14 3.66
N THR A 112 3.22 25.91 2.41
CA THR A 112 3.60 27.01 1.51
C THR A 112 2.44 27.40 0.60
N GLY A 113 1.54 26.44 0.28
CA GLY A 113 0.42 26.67 -0.62
C GLY A 113 0.85 26.65 -2.09
N GLU A 114 2.12 26.27 -2.33
CA GLU A 114 2.71 26.09 -3.65
C GLU A 114 2.19 24.81 -4.30
N VAL A 115 1.94 24.88 -5.63
CA VAL A 115 1.62 23.71 -6.43
C VAL A 115 2.86 22.82 -6.62
N THR A 116 2.74 21.56 -6.18
CA THR A 116 3.86 20.62 -6.23
C THR A 116 3.60 19.51 -7.26
N GLY A 117 2.37 19.44 -7.79
CA GLY A 117 2.06 18.47 -8.82
C GLY A 117 0.66 18.69 -9.39
N ARG A 118 0.42 18.07 -10.55
CA ARG A 118 -0.87 18.10 -11.21
CA ARG A 118 -0.88 18.10 -11.19
C ARG A 118 -1.12 16.77 -11.92
N ALA A 119 -2.39 16.39 -12.03
CA ALA A 119 -2.73 15.17 -12.72
C ALA A 119 -4.07 15.30 -13.44
N THR A 120 -4.23 14.47 -14.45
CA THR A 120 -5.47 14.38 -15.21
C THR A 120 -5.68 12.91 -15.62
N SER A 121 -6.96 12.53 -15.73
CA SER A 121 -7.38 11.20 -16.15
C SER A 121 -8.61 11.28 -17.05
N LYS A 122 -8.64 10.36 -18.04
CA LYS A 122 -9.78 10.19 -18.92
C LYS A 122 -10.44 8.84 -18.65
N TRP A 123 -11.76 8.87 -18.64
CA TRP A 123 -12.62 7.77 -18.25
C TRP A 123 -13.61 7.53 -19.40
N VAL A 124 -13.88 6.26 -19.67
CA VAL A 124 -14.86 5.88 -20.69
C VAL A 124 -15.93 5.00 -20.06
N MET A 125 -17.09 4.97 -20.71
CA MET A 125 -18.23 4.22 -20.24
C MET A 125 -18.09 2.80 -20.77
N MET A 126 -18.42 1.81 -19.92
CA MET A 126 -18.32 0.40 -20.30
C MET A 126 -19.53 -0.37 -19.75
N ASN A 127 -20.10 -1.28 -20.55
CA ASN A 127 -21.12 -2.19 -20.01
C ASN A 127 -20.37 -3.17 -19.14
N GLN A 128 -20.81 -3.28 -17.88
CA GLN A 128 -20.11 -4.06 -16.87
C GLN A 128 -20.10 -5.57 -17.19
N ASP A 129 -21.11 -6.07 -17.91
CA ASP A 129 -21.23 -7.50 -18.18
C ASP A 129 -20.54 -7.87 -19.49
N THR A 130 -20.90 -7.20 -20.59
CA THR A 130 -20.29 -7.46 -21.88
C THR A 130 -18.88 -6.86 -21.98
N ARG A 131 -18.54 -5.92 -21.10
CA ARG A 131 -17.27 -5.18 -21.17
C ARG A 131 -17.15 -4.41 -22.47
N ARG A 132 -18.26 -4.03 -23.12
CA ARG A 132 -18.25 -3.26 -24.36
C ARG A 132 -18.30 -1.76 -24.06
N LEU A 133 -17.33 -1.03 -24.64
CA LEU A 133 -17.25 0.41 -24.47
C LEU A 133 -18.40 1.07 -25.20
N GLN A 134 -18.89 2.19 -24.66
CA GLN A 134 -20.02 2.92 -25.19
C GLN A 134 -19.76 4.42 -25.10
N LYS A 135 -20.64 5.19 -25.77
CA LYS A 135 -20.69 6.64 -25.65
C LYS A 135 -21.51 7.03 -24.44
N VAL A 136 -21.31 8.26 -23.96
CA VAL A 136 -22.04 8.77 -22.81
C VAL A 136 -23.42 9.22 -23.28
N SER A 137 -24.47 8.74 -22.62
CA SER A 137 -25.85 9.09 -22.96
C SER A 137 -26.18 10.50 -22.48
N ASP A 138 -27.27 11.06 -23.03
CA ASP A 138 -27.73 12.39 -22.64
C ASP A 138 -28.06 12.44 -21.15
N ASP A 139 -28.61 11.35 -20.59
CA ASP A 139 -29.06 11.37 -19.20
C ASP A 139 -27.88 11.34 -18.22
N VAL A 140 -26.78 10.69 -18.59
CA VAL A 140 -25.60 10.71 -17.74
C VAL A 140 -24.93 12.07 -17.78
N ARG A 141 -24.86 12.69 -18.95
CA ARG A 141 -24.29 14.02 -19.08
C ARG A 141 -25.02 15.00 -18.16
N ASP A 142 -26.35 14.83 -18.02
CA ASP A 142 -27.15 15.75 -17.22
C ASP A 142 -26.83 15.60 -15.74
N GLU A 143 -26.60 14.36 -15.29
CA GLU A 143 -26.21 14.10 -13.90
C GLU A 143 -24.86 14.75 -13.59
N TYR A 144 -23.89 14.64 -14.50
CA TYR A 144 -22.56 15.20 -14.29
C TYR A 144 -22.64 16.73 -14.19
N LEU A 145 -23.48 17.31 -15.01
CA LEU A 145 -23.53 18.76 -15.13
C LEU A 145 -23.73 19.40 -13.76
N VAL A 146 -24.50 18.79 -12.87
CA VAL A 146 -24.82 19.46 -11.61
C VAL A 146 -23.64 19.47 -10.64
N PHE A 147 -22.63 18.61 -10.83
CA PHE A 147 -21.53 18.50 -9.88
C PHE A 147 -20.20 18.97 -10.50
N CYS A 148 -20.21 19.42 -11.76
CA CYS A 148 -19.02 19.82 -12.49
C CYS A 148 -19.06 21.32 -12.81
N PRO A 149 -17.91 22.02 -12.90
CA PRO A 149 -17.86 23.40 -13.40
C PRO A 149 -18.36 23.40 -14.83
N GLN A 150 -19.10 24.44 -15.19
CA GLN A 150 -19.73 24.55 -16.50
C GLN A 150 -18.74 25.09 -17.54
N GLU A 151 -17.87 26.01 -17.12
CA GLU A 151 -16.83 26.54 -17.97
C GLU A 151 -15.61 25.63 -17.82
N PRO A 152 -14.74 25.52 -18.84
CA PRO A 152 -13.61 24.60 -18.75
C PRO A 152 -12.67 24.99 -17.60
N ARG A 153 -12.17 23.96 -16.90
CA ARG A 153 -11.19 24.08 -15.86
C ARG A 153 -10.24 22.89 -16.00
N LEU A 154 -9.02 23.19 -16.44
CA LEU A 154 -8.06 22.17 -16.84
C LEU A 154 -6.86 22.22 -15.90
N ALA A 155 -6.44 21.07 -15.37
CA ALA A 155 -5.15 21.04 -14.69
C ALA A 155 -4.00 21.29 -15.67
N PHE A 156 -4.18 20.93 -16.94
CA PHE A 156 -3.17 21.09 -17.98
C PHE A 156 -3.72 21.97 -19.09
N PRO A 157 -3.68 23.31 -18.92
CA PRO A 157 -4.09 24.22 -19.99
C PRO A 157 -2.95 24.46 -20.98
N ASN A 161 0.53 19.97 -25.63
CA ASN A 161 0.18 19.52 -24.26
C ASN A 161 0.52 18.04 -24.05
N ARG A 162 1.53 17.75 -23.21
CA ARG A 162 2.07 16.39 -23.04
C ARG A 162 0.97 15.39 -22.64
N SER A 163 -0.03 15.87 -21.87
CA SER A 163 -1.06 15.00 -21.34
C SER A 163 -1.97 14.44 -22.44
N LEU A 164 -1.89 15.01 -23.67
CA LEU A 164 -2.74 14.61 -24.78
C LEU A 164 -1.96 13.89 -25.89
N LYS A 165 -0.67 13.64 -25.70
CA LYS A 165 0.16 13.12 -26.78
C LYS A 165 -0.17 11.65 -27.03
N LYS A 166 -0.12 11.24 -28.31
CA LYS A 166 -0.28 9.86 -28.73
C LYS A 166 0.97 9.04 -28.34
N ILE A 167 0.76 7.84 -27.81
CA ILE A 167 1.88 7.00 -27.39
C ILE A 167 2.04 5.83 -28.37
N PRO A 168 3.23 5.63 -28.95
CA PRO A 168 3.43 4.52 -29.89
C PRO A 168 3.70 3.19 -29.18
N LYS A 169 3.67 2.10 -29.95
CA LYS A 169 3.84 0.77 -29.40
C LYS A 169 5.30 0.37 -29.49
N LEU A 170 5.88 0.00 -28.34
CA LEU A 170 7.25 -0.44 -28.24
C LEU A 170 7.47 -1.62 -29.19
N GLU A 171 8.60 -1.62 -29.87
CA GLU A 171 8.96 -2.68 -30.83
C GLU A 171 9.98 -3.63 -30.20
N ASP A 172 9.74 -4.93 -30.35
CA ASP A 172 10.69 -5.94 -29.91
C ASP A 172 11.98 -5.81 -30.74
N PRO A 173 13.20 -5.97 -30.16
CA PRO A 173 13.35 -6.25 -28.73
C PRO A 173 13.35 -4.99 -27.85
N ALA A 174 12.88 -5.11 -26.60
CA ALA A 174 12.95 -4.04 -25.62
C ALA A 174 14.37 -3.89 -25.09
N GLN A 175 14.72 -2.69 -24.66
CA GLN A 175 16.03 -2.49 -24.07
C GLN A 175 16.09 -3.16 -22.69
N TYR A 176 15.02 -3.03 -21.89
CA TYR A 176 15.00 -3.57 -20.53
C TYR A 176 13.68 -4.30 -20.30
N SER A 177 13.65 -5.22 -19.34
CA SER A 177 12.42 -5.94 -19.07
C SER A 177 12.40 -6.51 -17.65
N MET A 178 11.18 -6.72 -17.16
CA MET A 178 10.95 -7.40 -15.90
C MET A 178 9.79 -8.35 -16.17
N ILE A 179 10.02 -9.67 -16.07
CA ILE A 179 9.04 -10.62 -16.57
C ILE A 179 8.41 -11.40 -15.41
N GLY A 180 7.22 -11.95 -15.65
CA GLY A 180 6.62 -12.84 -14.68
C GLY A 180 5.99 -12.10 -13.50
N LEU A 181 5.58 -10.83 -13.68
CA LEU A 181 4.87 -10.07 -12.67
C LEU A 181 3.45 -10.57 -12.47
N LYS A 182 3.04 -10.73 -11.21
CA LYS A 182 1.68 -11.16 -10.97
C LYS A 182 1.09 -10.45 -9.78
N PRO A 183 -0.23 -10.15 -9.79
CA PRO A 183 -0.87 -9.50 -8.65
C PRO A 183 -1.09 -10.38 -7.42
N ARG A 184 -0.89 -9.82 -6.23
CA ARG A 184 -1.30 -10.50 -5.01
C ARG A 184 -2.57 -9.79 -4.48
N ARG A 185 -3.14 -10.34 -3.43
CA ARG A 185 -4.44 -9.85 -2.95
C ARG A 185 -4.37 -8.36 -2.59
N ALA A 186 -3.23 -7.86 -2.09
CA ALA A 186 -3.06 -6.45 -1.79
C ALA A 186 -3.11 -5.57 -3.04
N ASP A 187 -2.95 -6.15 -4.24
CA ASP A 187 -3.07 -5.41 -5.50
C ASP A 187 -4.50 -5.23 -6.00
N LEU A 188 -5.47 -5.92 -5.39
CA LEU A 188 -6.86 -5.90 -5.82
C LEU A 188 -7.66 -4.84 -5.03
N ASP A 189 -8.68 -4.28 -5.68
CA ASP A 189 -9.62 -3.36 -5.03
C ASP A 189 -10.75 -4.19 -4.39
N MET A 190 -11.70 -3.50 -3.75
CA MET A 190 -12.78 -4.17 -3.04
C MET A 190 -13.67 -5.00 -3.97
N ASN A 191 -13.60 -4.76 -5.29
CA ASN A 191 -14.39 -5.52 -6.24
C ASN A 191 -13.55 -6.62 -6.92
N GLN A 192 -12.31 -6.80 -6.45
CA GLN A 192 -11.39 -7.87 -6.87
C GLN A 192 -10.83 -7.64 -8.27
N HIS A 193 -10.84 -6.38 -8.73
CA HIS A 193 -10.14 -5.99 -9.95
C HIS A 193 -8.76 -5.52 -9.52
N VAL A 194 -7.76 -5.67 -10.38
CA VAL A 194 -6.45 -5.10 -10.12
C VAL A 194 -6.58 -3.57 -10.03
N ASN A 195 -6.00 -3.03 -8.95
CA ASN A 195 -6.00 -1.59 -8.71
C ASN A 195 -5.21 -0.87 -9.81
N ASN A 196 -5.74 0.26 -10.31
CA ASN A 196 -5.08 1.00 -11.38
C ASN A 196 -3.65 1.37 -11.03
N VAL A 197 -3.34 1.59 -9.74
CA VAL A 197 -2.00 2.02 -9.35
C VAL A 197 -0.96 0.89 -9.50
N THR A 198 -1.39 -0.37 -9.32
CA THR A 198 -0.55 -1.55 -9.59
C THR A 198 0.12 -1.48 -10.96
N TYR A 199 -0.61 -1.05 -12.00
CA TYR A 199 -0.03 -1.00 -13.34
C TYR A 199 1.10 0.00 -13.42
N ILE A 200 0.97 1.12 -12.68
CA ILE A 200 2.04 2.10 -12.61
C ILE A 200 3.30 1.47 -12.02
N GLY A 201 3.13 0.71 -10.93
CA GLY A 201 4.24 0.00 -10.31
C GLY A 201 4.90 -0.97 -11.29
N TRP A 202 4.07 -1.76 -11.97
CA TRP A 202 4.60 -2.70 -12.95
C TRP A 202 5.38 -1.99 -14.07
N VAL A 203 4.87 -0.88 -14.62
CA VAL A 203 5.60 -0.14 -15.65
C VAL A 203 6.99 0.23 -15.14
N LEU A 204 7.04 0.77 -13.91
CA LEU A 204 8.28 1.27 -13.34
C LEU A 204 9.28 0.15 -13.01
N GLU A 205 8.82 -1.09 -12.88
CA GLU A 205 9.71 -2.20 -12.57
C GLU A 205 10.77 -2.45 -13.65
N SER A 206 10.52 -2.12 -14.92
CA SER A 206 11.55 -2.34 -15.92
C SER A 206 12.48 -1.13 -16.10
N ILE A 207 12.36 -0.09 -15.26
CA ILE A 207 13.35 0.99 -15.26
C ILE A 207 14.55 0.50 -14.47
N PRO A 208 15.80 0.66 -14.96
CA PRO A 208 16.96 0.28 -14.15
C PRO A 208 17.06 1.01 -12.81
N GLN A 209 17.48 0.29 -11.77
CA GLN A 209 17.67 0.85 -10.44
C GLN A 209 18.56 2.09 -10.51
N GLU A 210 19.50 2.14 -11.46
CA GLU A 210 20.44 3.25 -11.60
C GLU A 210 19.73 4.54 -11.97
N ILE A 211 18.78 4.47 -12.91
CA ILE A 211 17.99 5.63 -13.24
C ILE A 211 17.27 6.10 -12.00
N VAL A 212 16.69 5.17 -11.26
CA VAL A 212 15.89 5.51 -10.08
C VAL A 212 16.78 6.13 -9.01
N ASP A 213 17.99 5.59 -8.83
CA ASP A 213 18.97 6.09 -7.88
C ASP A 213 19.43 7.51 -8.20
N THR A 214 19.45 7.91 -9.49
CA THR A 214 20.11 9.13 -9.93
C THR A 214 19.14 10.16 -10.49
N HIS A 215 17.88 9.77 -10.73
CA HIS A 215 16.91 10.67 -11.31
C HIS A 215 15.62 10.64 -10.50
N GLU A 216 14.85 11.72 -10.65
CA GLU A 216 13.48 11.79 -10.16
C GLU A 216 12.54 11.73 -11.35
N LEU A 217 11.47 10.96 -11.19
CA LEU A 217 10.38 10.93 -12.15
C LEU A 217 9.63 12.26 -12.14
N GLN A 218 9.54 12.91 -13.29
CA GLN A 218 8.82 14.17 -13.40
C GLN A 218 7.45 13.96 -14.05
N VAL A 219 7.35 13.12 -15.08
CA VAL A 219 6.10 12.94 -15.77
C VAL A 219 5.89 11.46 -16.06
N ILE A 220 4.66 10.97 -15.88
CA ILE A 220 4.25 9.66 -16.38
C ILE A 220 2.91 9.78 -17.10
N THR A 221 2.81 9.17 -18.29
CA THR A 221 1.56 9.04 -19.01
C THR A 221 1.29 7.56 -19.24
N LEU A 222 0.11 7.08 -18.86
CA LEU A 222 -0.21 5.67 -19.00
C LEU A 222 -1.59 5.50 -19.65
N ASP A 223 -1.63 4.80 -20.81
CA ASP A 223 -2.86 4.34 -21.43
C ASP A 223 -3.19 2.94 -20.92
N TYR A 224 -4.48 2.71 -20.66
CA TYR A 224 -5.05 1.48 -20.14
C TYR A 224 -5.90 0.87 -21.25
N ARG A 225 -5.47 -0.29 -21.75
CA ARG A 225 -6.07 -0.88 -22.95
C ARG A 225 -6.98 -2.05 -22.58
N ARG A 226 -6.57 -2.85 -21.61
CA ARG A 226 -7.34 -3.99 -21.15
C ARG A 226 -6.84 -4.29 -19.75
N GLU A 227 -7.71 -4.90 -18.95
CA GLU A 227 -7.42 -5.24 -17.56
C GLU A 227 -6.58 -6.50 -17.45
N CYS A 228 -5.68 -6.53 -16.46
CA CYS A 228 -5.04 -7.74 -15.99
C CYS A 228 -6.01 -8.43 -15.01
N GLN A 229 -6.28 -9.72 -15.22
CA GLN A 229 -7.11 -10.50 -14.32
C GLN A 229 -6.26 -10.96 -13.14
N GLN A 230 -6.93 -11.41 -12.08
CA GLN A 230 -6.24 -11.84 -10.87
C GLN A 230 -5.32 -13.02 -11.14
N ASP A 231 -5.59 -13.83 -12.17
CA ASP A 231 -4.75 -15.01 -12.41
C ASP A 231 -3.81 -14.81 -13.61
N ASP A 232 -3.68 -13.57 -14.12
CA ASP A 232 -2.80 -13.29 -15.24
C ASP A 232 -1.36 -13.03 -14.77
N VAL A 233 -0.45 -13.07 -15.75
CA VAL A 233 0.96 -12.82 -15.53
C VAL A 233 1.39 -11.82 -16.60
N VAL A 234 2.22 -10.86 -16.18
CA VAL A 234 2.50 -9.67 -17.00
C VAL A 234 4.02 -9.51 -17.16
N ASP A 235 4.40 -9.06 -18.37
CA ASP A 235 5.77 -8.66 -18.64
C ASP A 235 5.77 -7.14 -18.89
N SER A 236 6.78 -6.50 -18.30
CA SER A 236 6.97 -5.06 -18.37
C SER A 236 8.21 -4.78 -19.20
N LEU A 237 8.05 -3.99 -20.26
CA LEU A 237 9.08 -3.72 -21.24
C LEU A 237 9.30 -2.21 -21.32
N THR A 238 10.58 -1.82 -21.45
CA THR A 238 11.01 -0.42 -21.51
C THR A 238 12.15 -0.25 -22.52
N THR A 239 12.11 0.84 -23.31
CA THR A 239 13.21 1.28 -24.15
C THR A 239 13.44 2.79 -23.96
N THR A 240 14.71 3.19 -23.79
CA THR A 240 15.12 4.59 -23.79
C THR A 240 14.75 5.27 -25.12
N THR A 241 14.05 6.41 -25.09
CA THR A 241 13.82 7.20 -26.30
C THR A 241 14.63 8.50 -26.29
N SER A 242 15.14 8.92 -25.13
CA SER A 242 16.09 10.03 -25.13
C SER A 242 17.48 9.51 -25.54
N ASP A 260 17.67 15.23 -19.07
CA ASP A 260 16.39 14.48 -18.99
C ASP A 260 16.53 13.14 -19.72
N SER A 261 15.99 12.08 -19.12
CA SER A 261 15.85 10.79 -19.78
C SER A 261 14.37 10.53 -20.02
N GLN A 262 14.05 9.99 -21.20
CA GLN A 262 12.71 9.53 -21.49
C GLN A 262 12.70 8.05 -21.88
N PHE A 263 11.57 7.40 -21.57
CA PHE A 263 11.39 5.99 -21.81
C PHE A 263 10.02 5.75 -22.39
N LEU A 264 9.94 4.70 -23.21
CA LEU A 264 8.72 4.16 -23.75
C LEU A 264 8.47 2.83 -23.05
N HIS A 265 7.19 2.55 -22.74
CA HIS A 265 6.81 1.43 -21.90
C HIS A 265 5.70 0.63 -22.56
N LEU A 266 5.74 -0.70 -22.33
CA LEU A 266 4.66 -1.60 -22.68
C LEU A 266 4.49 -2.67 -21.60
N LEU A 267 3.23 -2.91 -21.20
CA LEU A 267 2.85 -4.05 -20.38
C LEU A 267 2.04 -4.97 -21.27
N ARG A 268 2.38 -6.27 -21.25
CA ARG A 268 1.68 -7.25 -22.04
C ARG A 268 1.60 -8.56 -21.27
N LEU A 269 0.58 -9.36 -21.57
CA LEU A 269 0.41 -10.64 -20.89
C LEU A 269 1.56 -11.57 -21.28
N SER A 270 2.11 -12.28 -20.27
CA SER A 270 3.35 -13.05 -20.38
C SER A 270 3.22 -14.11 -21.47
N GLY A 271 2.01 -14.64 -21.61
CA GLY A 271 1.79 -15.77 -22.49
C GLY A 271 1.71 -15.26 -23.92
N ASP A 272 0.47 -14.87 -24.27
CA ASP A 272 0.12 -14.57 -25.65
C ASP A 272 0.59 -13.19 -26.09
N GLY A 273 1.17 -12.37 -25.20
CA GLY A 273 1.67 -11.07 -25.60
C GLY A 273 0.56 -10.01 -25.83
N GLN A 274 -0.65 -10.24 -25.34
CA GLN A 274 -1.74 -9.27 -25.46
C GLN A 274 -1.43 -7.99 -24.69
N GLU A 275 -1.57 -6.83 -25.35
CA GLU A 275 -1.19 -5.56 -24.74
C GLU A 275 -2.19 -5.21 -23.64
N ILE A 276 -1.70 -4.80 -22.46
CA ILE A 276 -2.62 -4.33 -21.43
C ILE A 276 -2.43 -2.83 -21.20
N ASN A 277 -1.21 -2.28 -21.34
CA ASN A 277 -0.95 -0.85 -21.15
C ASN A 277 0.21 -0.40 -22.02
N ARG A 278 0.24 0.90 -22.39
CA ARG A 278 1.44 1.53 -22.91
C ARG A 278 1.62 2.87 -22.23
N GLY A 279 2.87 3.35 -22.16
CA GLY A 279 3.10 4.65 -21.54
C GLY A 279 4.46 5.25 -21.84
N THR A 280 4.72 6.44 -21.30
CA THR A 280 6.01 7.11 -21.34
C THR A 280 6.29 7.72 -19.98
N THR A 281 7.58 7.85 -19.67
CA THR A 281 8.01 8.52 -18.46
C THR A 281 9.12 9.50 -18.84
N LEU A 282 9.21 10.58 -18.07
CA LEU A 282 10.28 11.53 -18.21
C LEU A 282 10.96 11.74 -16.85
N TRP A 283 12.29 11.65 -16.86
CA TRP A 283 13.07 11.71 -15.63
C TRP A 283 14.09 12.85 -15.72
N ARG A 284 14.28 13.58 -14.59
CA ARG A 284 15.25 14.66 -14.46
C ARG A 284 16.39 14.19 -13.55
N LYS A 285 17.64 14.39 -13.95
CA LYS A 285 18.77 14.16 -13.04
C LYS A 285 18.61 14.98 -11.75
N LYS A 286 19.04 14.42 -10.61
CA LYS A 286 18.93 15.09 -9.33
C LYS A 286 19.98 16.22 -9.22
N GLY B 2 -1.31 12.24 15.93
CA GLY B 2 -1.17 11.44 17.15
C GLY B 2 -0.37 12.19 18.20
N SER B 3 -0.32 11.64 19.43
CA SER B 3 0.58 12.17 20.43
C SER B 3 0.81 11.17 21.55
N LEU B 4 1.85 11.43 22.33
CA LEU B 4 2.09 10.72 23.59
C LEU B 4 0.89 10.95 24.51
N THR B 5 0.55 9.93 25.31
CA THR B 5 -0.42 10.06 26.39
C THR B 5 0.15 10.96 27.48
N GLU B 6 -0.70 11.25 28.47
CA GLU B 6 -0.36 12.13 29.60
C GLU B 6 0.97 11.77 30.26
N ASP B 7 1.17 10.50 30.63
CA ASP B 7 2.36 10.06 31.35
C ASP B 7 3.61 9.98 30.48
N GLY B 8 3.47 10.06 29.14
CA GLY B 8 4.58 10.06 28.21
C GLY B 8 5.11 8.64 27.91
N LEU B 9 4.41 7.61 28.38
CA LEU B 9 4.87 6.23 28.28
C LEU B 9 4.10 5.40 27.24
N SER B 10 3.16 6.02 26.50
CA SER B 10 2.51 5.37 25.36
C SER B 10 2.10 6.43 24.34
N TYR B 11 1.68 5.99 23.15
CA TYR B 11 1.41 6.88 22.03
C TYR B 11 0.10 6.45 21.39
N LYS B 12 -0.75 7.42 21.03
CA LYS B 12 -2.03 7.16 20.39
C LYS B 12 -2.16 7.94 19.09
N GLU B 13 -2.82 7.31 18.10
CA GLU B 13 -3.05 7.89 16.79
C GLU B 13 -4.35 7.35 16.20
N LYS B 14 -5.02 8.23 15.46
CA LYS B 14 -6.30 7.94 14.82
C LYS B 14 -6.09 7.88 13.31
N PHE B 15 -6.75 6.92 12.67
CA PHE B 15 -6.65 6.71 11.22
C PHE B 15 -8.05 6.52 10.65
N VAL B 16 -8.28 7.12 9.49
CA VAL B 16 -9.51 6.91 8.75
C VAL B 16 -9.20 5.89 7.65
N VAL B 17 -9.95 4.78 7.61
CA VAL B 17 -9.70 3.71 6.65
C VAL B 17 -10.00 4.20 5.23
N ARG B 18 -9.04 4.02 4.31
CA ARG B 18 -9.11 4.52 2.93
C ARG B 18 -9.71 3.49 1.98
N SER B 19 -10.20 3.99 0.82
CA SER B 19 -10.83 3.20 -0.22
C SER B 19 -9.97 2.03 -0.68
N TYR B 20 -8.67 2.26 -0.94
CA TYR B 20 -7.80 1.21 -1.47
C TYR B 20 -7.25 0.30 -0.37
N GLU B 21 -7.60 0.55 0.90
CA GLU B 21 -7.10 -0.22 2.03
C GLU B 21 -8.02 -1.38 2.41
N VAL B 22 -9.18 -1.51 1.76
CA VAL B 22 -10.19 -2.48 2.15
C VAL B 22 -10.28 -3.59 1.11
N GLY B 23 -10.72 -4.77 1.55
CA GLY B 23 -10.94 -5.93 0.69
C GLY B 23 -12.42 -6.08 0.33
N SER B 24 -12.80 -7.32 -0.01
CA SER B 24 -14.06 -7.57 -0.70
C SER B 24 -15.28 -7.37 0.20
N ASN B 25 -15.13 -7.38 1.53
CA ASN B 25 -16.26 -7.06 2.39
C ASN B 25 -16.19 -5.61 2.88
N LYS B 26 -15.40 -4.75 2.21
CA LYS B 26 -15.34 -3.34 2.51
C LYS B 26 -14.82 -3.06 3.93
N THR B 27 -14.02 -3.97 4.50
CA THR B 27 -13.30 -3.66 5.73
C THR B 27 -11.79 -3.77 5.46
N ALA B 28 -11.00 -3.17 6.37
CA ALA B 28 -9.56 -3.13 6.22
C ALA B 28 -8.97 -4.54 6.16
N THR B 29 -7.99 -4.73 5.26
CA THR B 29 -7.25 -5.98 5.21
C THR B 29 -6.33 -6.09 6.42
N VAL B 30 -5.78 -7.28 6.65
CA VAL B 30 -4.89 -7.45 7.78
C VAL B 30 -3.59 -6.75 7.44
N GLU B 31 -3.25 -6.65 6.14
CA GLU B 31 -2.05 -5.94 5.72
C GLU B 31 -2.18 -4.43 5.98
N THR B 32 -3.36 -3.84 5.71
CA THR B 32 -3.63 -2.45 6.09
C THR B 32 -3.43 -2.29 7.61
N ILE B 33 -4.03 -3.16 8.40
CA ILE B 33 -3.86 -3.11 9.84
C ILE B 33 -2.38 -3.12 10.22
N ALA B 34 -1.60 -4.06 9.67
CA ALA B 34 -0.19 -4.17 9.99
C ALA B 34 0.58 -2.92 9.57
N ASN B 35 0.22 -2.31 8.43
CA ASN B 35 0.87 -1.06 8.01
C ASN B 35 0.57 0.04 9.05
N LEU B 36 -0.65 0.13 9.51
CA LEU B 36 -1.04 1.15 10.51
C LEU B 36 -0.30 0.92 11.83
N LEU B 37 -0.11 -0.34 12.24
CA LEU B 37 0.68 -0.67 13.43
C LEU B 37 2.10 -0.14 13.26
N GLN B 38 2.68 -0.34 12.07
CA GLN B 38 4.05 0.10 11.85
C GLN B 38 4.14 1.62 11.82
N GLU B 39 3.14 2.29 11.22
CA GLU B 39 3.15 3.74 11.14
C GLU B 39 3.11 4.35 12.55
N VAL B 40 2.24 3.82 13.44
CA VAL B 40 2.08 4.44 14.76
C VAL B 40 3.33 4.14 15.59
N GLY B 41 3.96 2.96 15.38
CA GLY B 41 5.24 2.65 15.99
C GLY B 41 6.31 3.66 15.59
N CYS B 42 6.36 4.01 14.30
CA CYS B 42 7.33 5.00 13.83
CA CYS B 42 7.28 5.02 13.78
C CYS B 42 7.05 6.39 14.43
N ASN B 43 5.79 6.77 14.56
CA ASN B 43 5.43 8.07 15.12
C ASN B 43 5.81 8.14 16.60
N HIS B 44 5.62 7.05 17.34
CA HIS B 44 6.05 6.94 18.74
C HIS B 44 7.55 7.16 18.87
N ALA B 45 8.34 6.37 18.11
CA ALA B 45 9.78 6.48 18.06
C ALA B 45 10.24 7.92 17.78
N GLN B 46 9.64 8.59 16.78
CA GLN B 46 9.99 9.96 16.46
C GLN B 46 9.72 10.86 17.67
N SER B 47 8.59 10.67 18.34
CA SER B 47 8.18 11.59 19.38
C SER B 47 9.06 11.48 20.62
N VAL B 48 9.76 10.36 20.80
CA VAL B 48 10.57 10.20 22.01
C VAL B 48 12.06 10.31 21.69
N GLY B 49 12.41 10.79 20.48
CA GLY B 49 13.79 11.14 20.15
C GLY B 49 14.57 10.05 19.38
N PHE B 50 13.92 9.03 18.82
CA PHE B 50 14.64 8.06 17.99
C PHE B 50 14.95 8.68 16.61
N SER B 51 15.91 8.11 15.87
CA SER B 51 16.37 8.72 14.63
C SER B 51 15.32 8.57 13.51
N GLY B 54 16.62 7.20 9.25
CA GLY B 54 15.87 6.02 8.77
C GLY B 54 15.47 5.11 9.93
N PHE B 55 16.44 4.32 10.42
CA PHE B 55 16.18 3.32 11.44
C PHE B 55 15.83 4.00 12.77
N ALA B 56 15.05 3.26 13.57
CA ALA B 56 14.65 3.70 14.89
C ALA B 56 15.69 3.26 15.92
N THR B 57 16.92 3.76 15.75
CA THR B 57 18.02 3.42 16.64
C THR B 57 18.08 4.44 17.78
N THR B 58 18.74 4.04 18.88
CA THR B 58 19.18 4.92 19.95
C THR B 58 20.61 5.38 19.67
N THR B 59 21.14 6.24 20.57
CA THR B 59 22.45 6.86 20.38
C THR B 59 23.55 5.81 20.48
N THR B 60 23.46 4.92 21.48
CA THR B 60 24.46 3.89 21.66
C THR B 60 24.41 2.90 20.49
N MET B 61 23.20 2.61 19.97
CA MET B 61 23.06 1.66 18.88
C MET B 61 23.80 2.16 17.64
N ARG B 62 23.61 3.42 17.29
CA ARG B 62 24.28 3.99 16.14
C ARG B 62 25.80 3.88 16.33
N LYS B 63 26.24 4.16 17.56
CA LYS B 63 27.66 4.13 17.90
C LYS B 63 28.24 2.73 17.67
N LEU B 64 27.48 1.68 18.01
CA LEU B 64 27.92 0.30 17.85
C LEU B 64 27.40 -0.35 16.57
N HIS B 65 26.79 0.44 15.66
CA HIS B 65 26.23 -0.04 14.40
C HIS B 65 25.20 -1.14 14.62
N LEU B 66 24.32 -0.95 15.61
CA LEU B 66 23.27 -1.93 15.88
C LEU B 66 21.93 -1.41 15.38
N ILE B 67 21.05 -2.34 15.00
CA ILE B 67 19.64 -2.11 14.65
C ILE B 67 18.76 -3.15 15.35
N TRP B 68 17.48 -2.80 15.55
CA TRP B 68 16.41 -3.74 15.89
C TRP B 68 15.87 -4.40 14.65
N VAL B 69 15.63 -5.72 14.72
CA VAL B 69 14.91 -6.43 13.68
C VAL B 69 13.78 -7.21 14.33
N THR B 70 12.71 -7.45 13.56
CA THR B 70 11.53 -8.16 14.07
C THR B 70 11.83 -9.65 14.10
N ALA B 71 11.49 -10.30 15.22
CA ALA B 71 11.59 -11.75 15.34
C ALA B 71 10.22 -12.41 15.22
N ARG B 72 9.18 -11.75 15.74
CA ARG B 72 7.84 -12.29 15.74
C ARG B 72 6.84 -11.15 15.73
N MET B 73 5.73 -11.36 14.98
CA MET B 73 4.57 -10.50 14.94
C MET B 73 3.35 -11.38 15.23
N HIS B 74 2.45 -10.93 16.12
CA HIS B 74 1.24 -11.63 16.45
C HIS B 74 0.09 -10.63 16.52
N ILE B 75 -0.95 -10.84 15.70
CA ILE B 75 -2.09 -9.96 15.59
C ILE B 75 -3.38 -10.75 15.81
N GLU B 76 -4.29 -10.20 16.64
CA GLU B 76 -5.64 -10.74 16.83
CA GLU B 76 -5.63 -10.74 16.84
C GLU B 76 -6.67 -9.66 16.53
N ILE B 77 -7.57 -9.93 15.58
CA ILE B 77 -8.58 -8.97 15.23
C ILE B 77 -9.95 -9.52 15.60
N TYR B 78 -10.74 -8.73 16.33
CA TYR B 78 -12.11 -9.08 16.68
C TYR B 78 -13.07 -8.48 15.66
N LYS B 79 -12.77 -7.27 15.18
CA LYS B 79 -13.59 -6.62 14.18
C LYS B 79 -12.72 -5.73 13.29
N TYR B 80 -12.78 -5.93 11.96
CA TYR B 80 -12.01 -5.13 11.01
C TYR B 80 -12.78 -3.83 10.77
N PRO B 81 -12.15 -2.64 10.85
CA PRO B 81 -12.89 -1.39 10.64
C PRO B 81 -13.32 -1.22 9.17
N ALA B 82 -14.50 -0.63 8.98
CA ALA B 82 -15.02 -0.45 7.62
C ALA B 82 -14.39 0.76 6.96
N TRP B 83 -14.41 0.77 5.63
CA TRP B 83 -14.09 1.92 4.81
C TRP B 83 -14.73 3.18 5.41
N GLY B 84 -13.93 4.23 5.62
CA GLY B 84 -14.44 5.49 6.21
C GLY B 84 -14.50 5.50 7.76
N ASP B 85 -14.38 4.36 8.41
CA ASP B 85 -14.39 4.34 9.88
C ASP B 85 -13.09 4.90 10.43
N VAL B 86 -13.14 5.39 11.67
CA VAL B 86 -11.97 5.89 12.37
C VAL B 86 -11.54 4.83 13.38
N VAL B 87 -10.27 4.43 13.34
CA VAL B 87 -9.71 3.51 14.32
C VAL B 87 -8.65 4.24 15.15
N GLU B 88 -8.63 3.98 16.46
CA GLU B 88 -7.61 4.51 17.34
C GLU B 88 -6.66 3.40 17.74
N ILE B 89 -5.36 3.65 17.61
CA ILE B 89 -4.35 2.68 17.96
C ILE B 89 -3.44 3.27 19.03
N GLU B 90 -3.28 2.51 20.12
CA GLU B 90 -2.35 2.80 21.21
C GLU B 90 -1.19 1.81 21.17
N THR B 91 0.04 2.32 21.33
CA THR B 91 1.24 1.50 21.30
C THR B 91 2.21 1.93 22.41
N TRP B 92 3.02 0.98 22.82
CA TRP B 92 4.06 1.17 23.81
C TRP B 92 5.08 0.04 23.66
N CYS B 93 6.25 0.23 24.28
CA CYS B 93 7.34 -0.72 24.25
C CYS B 93 7.74 -1.13 25.66
N GLN B 94 8.37 -2.31 25.77
CA GLN B 94 8.99 -2.73 27.01
C GLN B 94 10.27 -3.48 26.69
N SER B 95 11.24 -3.40 27.61
CA SER B 95 12.46 -4.19 27.48
C SER B 95 12.18 -5.58 28.05
N GLU B 96 12.77 -6.61 27.45
CA GLU B 96 12.67 -7.95 28.01
C GLU B 96 14.07 -8.40 28.43
N GLY B 97 14.68 -7.65 29.34
CA GLY B 97 16.04 -7.93 29.81
C GLY B 97 17.02 -7.92 28.64
N ARG B 98 17.77 -9.01 28.50
CA ARG B 98 18.85 -9.04 27.53
C ARG B 98 18.39 -9.77 26.26
N ILE B 99 17.16 -10.31 26.27
CA ILE B 99 16.63 -11.07 25.15
C ILE B 99 16.36 -10.14 23.96
N GLY B 100 15.77 -8.97 24.24
CA GLY B 100 15.24 -8.10 23.19
C GLY B 100 14.23 -7.13 23.76
N THR B 101 13.42 -6.54 22.88
CA THR B 101 12.37 -5.63 23.30
C THR B 101 11.06 -6.13 22.70
N ARG B 102 9.96 -5.53 23.15
CA ARG B 102 8.62 -5.83 22.70
C ARG B 102 7.89 -4.52 22.40
N ARG B 103 7.13 -4.48 21.30
CA ARG B 103 6.19 -3.40 21.07
C ARG B 103 4.82 -4.05 21.04
N ASP B 104 3.88 -3.44 21.78
CA ASP B 104 2.48 -3.86 21.84
C ASP B 104 1.54 -2.78 21.30
N TRP B 105 0.38 -3.20 20.80
CA TRP B 105 -0.64 -2.29 20.29
C TRP B 105 -2.03 -2.74 20.76
N ILE B 106 -2.94 -1.77 20.96
CA ILE B 106 -4.36 -2.01 21.12
C ILE B 106 -5.11 -1.17 20.10
N LEU B 107 -6.11 -1.79 19.43
CA LEU B 107 -6.91 -1.14 18.41
C LEU B 107 -8.32 -0.96 18.94
N LYS B 108 -8.86 0.25 18.82
CA LYS B 108 -10.19 0.58 19.31
C LYS B 108 -11.01 1.28 18.22
N ASP B 109 -12.32 1.04 18.24
CA ASP B 109 -13.24 1.84 17.47
C ASP B 109 -13.34 3.19 18.17
N SER B 110 -13.14 4.28 17.44
CA SER B 110 -13.04 5.56 18.12
C SER B 110 -14.44 6.10 18.43
N VAL B 111 -15.47 5.58 17.73
CA VAL B 111 -16.87 5.94 18.00
C VAL B 111 -17.34 5.26 19.29
N THR B 112 -17.09 3.95 19.44
CA THR B 112 -17.61 3.20 20.58
C THR B 112 -16.58 3.09 21.71
N GLY B 113 -15.28 3.15 21.38
CA GLY B 113 -14.22 2.99 22.36
C GLY B 113 -13.94 1.51 22.67
N GLU B 114 -14.64 0.60 21.98
CA GLU B 114 -14.46 -0.84 22.10
C GLU B 114 -13.11 -1.27 21.49
N VAL B 115 -12.44 -2.21 22.17
CA VAL B 115 -11.25 -2.88 21.64
C VAL B 115 -11.65 -3.81 20.50
N THR B 116 -11.09 -3.56 19.32
CA THR B 116 -11.43 -4.34 18.12
C THR B 116 -10.23 -5.19 17.70
N GLY B 117 -9.07 -4.99 18.35
CA GLY B 117 -7.90 -5.80 18.05
C GLY B 117 -6.73 -5.53 18.98
N ARG B 118 -5.77 -6.46 18.97
CA ARG B 118 -4.58 -6.41 19.81
CA ARG B 118 -4.58 -6.42 19.82
CA ARG B 118 -4.56 -6.31 19.76
C ARG B 118 -3.41 -6.98 19.02
N ALA B 119 -2.20 -6.45 19.24
CA ALA B 119 -1.02 -7.04 18.62
C ALA B 119 0.20 -6.92 19.52
N THR B 120 1.16 -7.79 19.26
CA THR B 120 2.44 -7.77 19.95
C THR B 120 3.53 -8.21 18.99
N SER B 121 4.73 -7.70 19.22
CA SER B 121 5.90 -7.99 18.40
C SER B 121 7.14 -8.10 19.28
N LYS B 122 8.04 -9.01 18.88
CA LYS B 122 9.33 -9.17 19.53
C LYS B 122 10.44 -8.78 18.55
N TRP B 123 11.43 -8.08 19.11
CA TRP B 123 12.51 -7.45 18.36
C TRP B 123 13.81 -7.93 18.98
N VAL B 124 14.81 -8.19 18.13
CA VAL B 124 16.13 -8.59 18.59
C VAL B 124 17.19 -7.62 18.05
N MET B 125 18.33 -7.56 18.74
CA MET B 125 19.40 -6.68 18.35
C MET B 125 20.25 -7.38 17.29
N MET B 126 20.71 -6.62 16.30
CA MET B 126 21.53 -7.19 15.24
C MET B 126 22.61 -6.19 14.83
N ASN B 127 23.85 -6.69 14.62
CA ASN B 127 24.87 -5.85 14.01
C ASN B 127 24.47 -5.66 12.56
N GLN B 128 24.35 -4.39 12.16
CA GLN B 128 23.90 -4.00 10.83
C GLN B 128 24.86 -4.49 9.72
N ASP B 129 26.15 -4.60 10.03
CA ASP B 129 27.14 -4.95 9.01
C ASP B 129 27.24 -6.48 8.89
N THR B 130 27.53 -7.16 10.01
CA THR B 130 27.72 -8.59 10.03
C THR B 130 26.39 -9.33 10.00
N ARG B 131 25.27 -8.65 10.29
CA ARG B 131 23.98 -9.30 10.44
C ARG B 131 24.01 -10.35 11.55
N ARG B 132 24.93 -10.25 12.52
CA ARG B 132 24.97 -11.16 13.66
C ARG B 132 24.09 -10.69 14.81
N LEU B 133 23.22 -11.59 15.29
CA LEU B 133 22.32 -11.29 16.41
C LEU B 133 23.13 -11.16 17.69
N GLN B 134 22.66 -10.28 18.58
CA GLN B 134 23.35 -9.96 19.83
C GLN B 134 22.34 -9.83 20.96
N LYS B 135 22.85 -9.88 22.20
CA LYS B 135 22.06 -9.57 23.39
C LYS B 135 21.97 -8.06 23.59
N VAL B 136 20.97 -7.61 24.33
CA VAL B 136 20.80 -6.18 24.60
C VAL B 136 21.78 -5.76 25.70
N SER B 137 22.57 -4.72 25.42
CA SER B 137 23.57 -4.23 26.36
C SER B 137 22.90 -3.46 27.49
N ASP B 138 23.64 -3.28 28.59
CA ASP B 138 23.11 -2.59 29.75
C ASP B 138 22.79 -1.13 29.44
N ASP B 139 23.53 -0.49 28.52
CA ASP B 139 23.31 0.93 28.22
C ASP B 139 22.09 1.14 27.31
N VAL B 140 21.73 0.12 26.52
CA VAL B 140 20.52 0.21 25.71
C VAL B 140 19.28 -0.03 26.59
N ARG B 141 19.35 -0.97 27.53
CA ARG B 141 18.28 -1.16 28.48
C ARG B 141 18.01 0.15 29.20
N ASP B 142 19.08 0.89 29.56
CA ASP B 142 18.95 2.15 30.30
C ASP B 142 18.19 3.19 29.49
N GLU B 143 18.44 3.27 28.18
CA GLU B 143 17.76 4.24 27.31
C GLU B 143 16.28 3.90 27.16
N TYR B 144 15.93 2.60 27.11
CA TYR B 144 14.55 2.18 26.93
C TYR B 144 13.74 2.52 28.17
N LEU B 145 14.36 2.39 29.33
CA LEU B 145 13.64 2.47 30.58
C LEU B 145 12.96 3.84 30.73
N VAL B 146 13.50 4.90 30.14
CA VAL B 146 12.90 6.21 30.37
C VAL B 146 11.63 6.40 29.53
N PHE B 147 11.43 5.58 28.47
CA PHE B 147 10.30 5.74 27.56
C PHE B 147 9.28 4.60 27.72
N CYS B 148 9.57 3.61 28.57
CA CYS B 148 8.73 2.43 28.73
C CYS B 148 8.10 2.39 30.12
N PRO B 149 6.88 1.82 30.28
CA PRO B 149 6.31 1.56 31.61
C PRO B 149 7.23 0.61 32.34
N GLN B 150 7.38 0.82 33.65
CA GLN B 150 8.31 0.07 34.48
C GLN B 150 7.69 -1.24 34.95
N GLU B 151 6.40 -1.21 35.27
CA GLU B 151 5.67 -2.42 35.62
C GLU B 151 5.19 -3.04 34.33
N PRO B 152 4.96 -4.37 34.28
CA PRO B 152 4.57 -5.01 33.03
C PRO B 152 3.21 -4.49 32.55
N ARG B 153 3.11 -4.30 31.23
CA ARG B 153 1.89 -3.92 30.55
C ARG B 153 1.86 -4.72 29.24
N LEU B 154 0.93 -5.67 29.18
CA LEU B 154 0.89 -6.67 28.12
C LEU B 154 -0.40 -6.50 27.34
N ALA B 155 -0.32 -6.46 26.00
CA ALA B 155 -1.53 -6.58 25.23
C ALA B 155 -2.16 -7.96 25.38
N PHE B 156 -1.33 -8.99 25.59
CA PHE B 156 -1.78 -10.37 25.76
C PHE B 156 -1.38 -10.88 27.14
N PRO B 157 -2.20 -10.55 28.18
CA PRO B 157 -1.95 -11.08 29.53
C PRO B 157 -2.44 -12.52 29.62
N GLU B 158 -1.64 -13.40 30.23
CA GLU B 158 -1.83 -14.84 30.07
C GLU B 158 -1.50 -15.25 28.62
N ARG B 162 -1.38 -17.79 23.18
CA ARG B 162 -1.25 -18.06 21.71
C ARG B 162 -0.06 -17.29 21.13
N SER B 163 0.16 -16.07 21.65
CA SER B 163 1.17 -15.18 21.12
C SER B 163 2.59 -15.67 21.43
N LEU B 164 2.72 -16.65 22.34
CA LEU B 164 4.02 -17.21 22.71
C LEU B 164 4.19 -18.67 22.27
N LYS B 165 3.23 -19.24 21.55
CA LYS B 165 3.30 -20.66 21.20
C LYS B 165 4.41 -20.89 20.18
N LYS B 166 5.08 -22.06 20.29
CA LYS B 166 6.13 -22.47 19.37
C LYS B 166 5.48 -22.94 18.06
N ILE B 167 6.06 -22.53 16.91
CA ILE B 167 5.49 -22.88 15.62
C ILE B 167 6.36 -23.96 14.96
N PRO B 168 5.80 -25.12 14.57
CA PRO B 168 6.60 -26.15 13.91
C PRO B 168 6.84 -25.89 12.42
N LYS B 169 7.74 -26.69 11.83
CA LYS B 169 8.12 -26.50 10.44
C LYS B 169 7.26 -27.38 9.55
N LEU B 170 6.58 -26.77 8.59
CA LEU B 170 5.74 -27.48 7.66
C LEU B 170 6.59 -28.54 6.94
N GLU B 171 6.01 -29.73 6.77
CA GLU B 171 6.67 -30.85 6.10
C GLU B 171 6.14 -30.99 4.67
N ASP B 172 7.06 -31.18 3.72
CA ASP B 172 6.69 -31.43 2.33
C ASP B 172 5.99 -32.80 2.25
N PRO B 173 4.94 -33.00 1.41
CA PRO B 173 4.38 -31.93 0.58
C PRO B 173 3.38 -31.01 1.28
N ALA B 174 3.32 -29.72 0.89
CA ALA B 174 2.30 -28.80 1.38
C ALA B 174 0.96 -29.11 0.73
N GLN B 175 -0.11 -28.76 1.44
CA GLN B 175 -1.44 -28.93 0.87
C GLN B 175 -1.65 -27.91 -0.23
N TYR B 176 -1.20 -26.66 -0.01
CA TYR B 176 -1.43 -25.56 -0.95
C TYR B 176 -0.15 -24.74 -1.13
N SER B 177 -0.01 -24.04 -2.27
CA SER B 177 1.22 -23.31 -2.54
C SER B 177 1.00 -22.19 -3.55
N MET B 178 1.80 -21.14 -3.40
CA MET B 178 1.84 -20.06 -4.37
C MET B 178 3.32 -19.84 -4.62
N ILE B 179 3.79 -20.06 -5.85
CA ILE B 179 5.23 -20.07 -6.07
C ILE B 179 5.67 -18.89 -6.94
N GLY B 180 6.96 -18.56 -6.84
CA GLY B 180 7.55 -17.55 -7.69
C GLY B 180 7.14 -16.12 -7.29
N LEU B 181 6.85 -15.87 -6.01
CA LEU B 181 6.58 -14.54 -5.50
C LEU B 181 7.85 -13.68 -5.44
N LYS B 182 7.75 -12.44 -5.92
CA LYS B 182 8.93 -11.58 -5.84
C LYS B 182 8.52 -10.16 -5.47
N PRO B 183 9.37 -9.43 -4.72
CA PRO B 183 9.02 -8.07 -4.34
C PRO B 183 9.19 -7.05 -5.48
N ARG B 184 8.30 -6.06 -5.55
CA ARG B 184 8.50 -4.92 -6.44
C ARG B 184 8.89 -3.71 -5.57
N ARG B 185 9.17 -2.58 -6.19
CA ARG B 185 9.69 -1.43 -5.45
C ARG B 185 8.72 -0.97 -4.37
N ALA B 186 7.40 -1.12 -4.60
CA ALA B 186 6.42 -0.73 -3.60
C ALA B 186 6.48 -1.63 -2.36
N ASP B 187 7.18 -2.76 -2.42
CA ASP B 187 7.31 -3.66 -1.28
C ASP B 187 8.50 -3.33 -0.37
N LEU B 188 9.33 -2.37 -0.79
CA LEU B 188 10.56 -2.02 -0.09
C LEU B 188 10.30 -0.80 0.79
N ASP B 189 11.00 -0.74 1.93
CA ASP B 189 10.99 0.43 2.81
C ASP B 189 12.01 1.46 2.31
N MET B 190 12.11 2.58 3.02
CA MET B 190 13.00 3.67 2.60
C MET B 190 14.48 3.25 2.59
N ASN B 191 14.85 2.18 3.29
CA ASN B 191 16.22 1.70 3.27
C ASN B 191 16.43 0.53 2.32
N GLN B 192 15.41 0.22 1.51
CA GLN B 192 15.46 -0.77 0.42
C GLN B 192 15.43 -2.20 0.95
N HIS B 193 14.98 -2.41 2.18
CA HIS B 193 14.68 -3.74 2.69
C HIS B 193 13.22 -4.05 2.37
N VAL B 194 12.87 -5.33 2.20
CA VAL B 194 11.47 -5.70 2.07
C VAL B 194 10.72 -5.33 3.36
N ASN B 195 9.58 -4.66 3.19
CA ASN B 195 8.72 -4.26 4.30
C ASN B 195 8.19 -5.51 5.01
N ASN B 196 8.22 -5.50 6.35
CA ASN B 196 7.75 -6.63 7.15
C ASN B 196 6.34 -7.05 6.76
N VAL B 197 5.48 -6.12 6.33
CA VAL B 197 4.10 -6.45 6.01
C VAL B 197 3.97 -7.27 4.72
N THR B 198 4.89 -7.05 3.76
CA THR B 198 4.97 -7.88 2.54
C THR B 198 4.93 -9.37 2.88
N TYR B 199 5.65 -9.79 3.93
CA TYR B 199 5.74 -11.21 4.26
C TYR B 199 4.39 -11.73 4.70
N ILE B 200 3.61 -10.88 5.40
CA ILE B 200 2.26 -11.26 5.77
C ILE B 200 1.45 -11.54 4.52
N GLY B 201 1.52 -10.64 3.54
CA GLY B 201 0.79 -10.82 2.29
C GLY B 201 1.19 -12.12 1.57
N TRP B 202 2.51 -12.36 1.51
CA TRP B 202 3.00 -13.59 0.90
C TRP B 202 2.50 -14.84 1.63
N VAL B 203 2.48 -14.86 2.96
CA VAL B 203 1.93 -16.00 3.69
C VAL B 203 0.49 -16.27 3.27
N LEU B 204 -0.33 -15.21 3.22
CA LEU B 204 -1.74 -15.31 2.92
C LEU B 204 -2.02 -15.73 1.47
N GLU B 205 -1.06 -15.57 0.55
CA GLU B 205 -1.30 -15.90 -0.84
C GLU B 205 -1.57 -17.38 -1.05
N SER B 206 -1.07 -18.26 -0.19
CA SER B 206 -1.33 -19.68 -0.40
C SER B 206 -2.56 -20.15 0.36
N ILE B 207 -3.35 -19.25 0.92
CA ILE B 207 -4.66 -19.64 1.46
C ILE B 207 -5.61 -19.70 0.29
N PRO B 208 -6.45 -20.73 0.14
CA PRO B 208 -7.43 -20.74 -0.95
C PRO B 208 -8.41 -19.56 -0.90
N GLN B 209 -8.76 -19.04 -2.06
CA GLN B 209 -9.70 -17.95 -2.19
C GLN B 209 -11.02 -18.28 -1.48
N GLU B 210 -11.38 -19.56 -1.38
CA GLU B 210 -12.66 -19.99 -0.83
C GLU B 210 -12.69 -19.75 0.68
N ILE B 211 -11.58 -20.05 1.35
CA ILE B 211 -11.46 -19.77 2.75
C ILE B 211 -11.64 -18.27 2.96
N VAL B 212 -10.97 -17.47 2.13
CA VAL B 212 -11.00 -16.02 2.26
C VAL B 212 -12.41 -15.50 2.04
N ASP B 213 -13.11 -16.07 1.05
CA ASP B 213 -14.49 -15.72 0.74
C ASP B 213 -15.46 -16.01 1.89
N THR B 214 -15.20 -17.06 2.70
CA THR B 214 -16.19 -17.61 3.64
C THR B 214 -15.76 -17.43 5.09
N HIS B 215 -14.51 -17.02 5.32
CA HIS B 215 -14.01 -16.87 6.68
C HIS B 215 -13.34 -15.52 6.85
N GLU B 216 -13.26 -15.10 8.12
CA GLU B 216 -12.47 -13.96 8.54
C GLU B 216 -11.24 -14.47 9.29
N LEU B 217 -10.11 -13.86 8.99
CA LEU B 217 -8.88 -14.09 9.73
C LEU B 217 -8.99 -13.49 11.12
N GLN B 218 -8.85 -14.32 12.15
CA GLN B 218 -8.94 -13.86 13.52
C GLN B 218 -7.55 -13.70 14.15
N VAL B 219 -6.61 -14.62 13.86
CA VAL B 219 -5.30 -14.58 14.47
C VAL B 219 -4.26 -14.91 13.42
N ILE B 220 -3.15 -14.16 13.42
CA ILE B 220 -1.95 -14.54 12.68
C ILE B 220 -0.72 -14.41 13.57
N THR B 221 0.15 -15.44 13.54
CA THR B 221 1.43 -15.43 14.22
C THR B 221 2.49 -15.69 13.19
N LEU B 222 3.47 -14.78 13.07
CA LEU B 222 4.52 -14.97 12.09
C LEU B 222 5.90 -14.81 12.74
N ASP B 223 6.77 -15.85 12.62
CA ASP B 223 8.18 -15.74 12.94
C ASP B 223 8.95 -15.34 11.69
N TYR B 224 9.99 -14.52 11.90
CA TYR B 224 10.86 -13.93 10.90
C TYR B 224 12.26 -14.50 11.14
N ARG B 225 12.72 -15.33 10.20
CA ARG B 225 13.96 -16.09 10.38
C ARG B 225 15.12 -15.43 9.64
N ARG B 226 14.87 -14.94 8.43
CA ARG B 226 15.88 -14.33 7.59
C ARG B 226 15.13 -13.42 6.62
N GLU B 227 15.80 -12.38 6.13
CA GLU B 227 15.21 -11.43 5.20
C GLU B 227 15.18 -11.96 3.78
N CYS B 228 14.11 -11.62 3.03
CA CYS B 228 14.09 -11.75 1.58
C CYS B 228 14.81 -10.51 1.01
N GLN B 229 15.81 -10.74 0.15
CA GLN B 229 16.50 -9.65 -0.52
C GLN B 229 15.66 -9.16 -1.71
N GLN B 230 16.01 -8.01 -2.26
CA GLN B 230 15.24 -7.41 -3.33
C GLN B 230 15.24 -8.28 -4.59
N ASP B 231 16.25 -9.12 -4.82
CA ASP B 231 16.29 -9.92 -6.03
C ASP B 231 15.98 -11.40 -5.75
N ASP B 232 15.47 -11.72 -4.56
CA ASP B 232 15.08 -13.09 -4.24
C ASP B 232 13.67 -13.41 -4.75
N VAL B 233 13.36 -14.71 -4.78
CA VAL B 233 12.07 -15.23 -5.19
C VAL B 233 11.63 -16.21 -4.11
N VAL B 234 10.34 -16.17 -3.78
CA VAL B 234 9.81 -16.85 -2.60
C VAL B 234 8.68 -17.78 -2.99
N ASP B 235 8.62 -18.92 -2.30
CA ASP B 235 7.45 -19.80 -2.39
C ASP B 235 6.73 -19.81 -1.03
N SER B 236 5.40 -19.76 -1.11
CA SER B 236 4.52 -19.72 0.04
C SER B 236 3.77 -21.05 0.10
N LEU B 237 3.91 -21.73 1.25
CA LEU B 237 3.35 -23.06 1.47
C LEU B 237 2.41 -23.01 2.67
N THR B 238 1.28 -23.75 2.57
CA THR B 238 0.26 -23.84 3.59
C THR B 238 -0.29 -25.27 3.69
N THR B 239 -0.52 -25.74 4.94
CA THR B 239 -1.26 -26.97 5.22
C THR B 239 -2.31 -26.72 6.31
N THR B 240 -3.53 -27.22 6.08
CA THR B 240 -4.58 -27.22 7.11
C THR B 240 -4.14 -28.05 8.31
N THR B 241 -4.20 -27.49 9.53
CA THR B 241 -3.96 -28.27 10.76
C THR B 241 -5.27 -28.53 11.50
N SER B 242 -6.34 -27.77 11.23
CA SER B 242 -7.64 -28.15 11.75
C SER B 242 -8.26 -29.24 10.85
N ASP B 260 -13.97 -23.12 13.24
CA ASP B 260 -12.65 -22.46 13.01
C ASP B 260 -11.80 -23.34 12.08
N SER B 261 -11.04 -22.71 11.18
CA SER B 261 -9.99 -23.38 10.44
C SER B 261 -8.64 -22.83 10.87
N GLN B 262 -7.65 -23.72 11.02
CA GLN B 262 -6.28 -23.32 11.26
C GLN B 262 -5.33 -23.86 10.19
N PHE B 263 -4.26 -23.09 9.95
CA PHE B 263 -3.27 -23.42 8.94
C PHE B 263 -1.89 -23.20 9.50
N LEU B 264 -0.94 -23.98 8.98
CA LEU B 264 0.47 -23.85 9.22
C LEU B 264 1.10 -23.32 7.94
N HIS B 265 2.09 -22.41 8.08
CA HIS B 265 2.61 -21.67 6.94
C HIS B 265 4.12 -21.74 6.95
N LEU B 266 4.70 -21.76 5.73
CA LEU B 266 6.13 -21.64 5.51
C LEU B 266 6.42 -20.78 4.27
N LEU B 267 7.36 -19.82 4.41
CA LEU B 267 7.92 -19.06 3.31
C LEU B 267 9.36 -19.51 3.19
N ARG B 268 9.77 -19.87 1.97
CA ARG B 268 11.14 -20.29 1.71
C ARG B 268 11.58 -19.79 0.35
N LEU B 269 12.89 -19.59 0.20
CA LEU B 269 13.46 -19.12 -1.05
C LEU B 269 13.25 -20.18 -2.13
N SER B 270 12.81 -19.74 -3.34
CA SER B 270 12.31 -20.60 -4.41
C SER B 270 13.37 -21.60 -4.85
N GLY B 271 14.63 -21.15 -4.80
CA GLY B 271 15.73 -21.93 -5.32
C GLY B 271 16.08 -23.00 -4.30
N ASP B 272 16.93 -22.60 -3.35
CA ASP B 272 17.57 -23.53 -2.42
C ASP B 272 16.66 -23.95 -1.26
N GLY B 273 15.44 -23.40 -1.15
CA GLY B 273 14.52 -23.82 -0.11
C GLY B 273 14.88 -23.28 1.30
N GLN B 274 15.76 -22.28 1.38
CA GLN B 274 16.10 -21.64 2.66
C GLN B 274 14.87 -20.99 3.31
N GLU B 275 14.61 -21.32 4.59
CA GLU B 275 13.45 -20.81 5.30
C GLU B 275 13.60 -19.30 5.56
N ILE B 276 12.53 -18.55 5.27
CA ILE B 276 12.44 -17.10 5.48
C ILE B 276 11.53 -16.81 6.68
N ASN B 277 10.38 -17.50 6.74
CA ASN B 277 9.36 -17.26 7.76
C ASN B 277 8.60 -18.54 8.01
N ARG B 278 8.04 -18.70 9.22
CA ARG B 278 7.02 -19.71 9.46
C ARG B 278 5.89 -19.05 10.25
N GLY B 279 4.67 -19.60 10.17
CA GLY B 279 3.57 -18.99 10.90
C GLY B 279 2.35 -19.88 11.00
N THR B 280 1.31 -19.37 11.69
CA THR B 280 0.00 -20.00 11.79
C THR B 280 -1.07 -18.92 11.65
N THR B 281 -2.21 -19.31 11.09
CA THR B 281 -3.38 -18.44 11.04
C THR B 281 -4.58 -19.21 11.59
N LEU B 282 -5.51 -18.47 12.19
CA LEU B 282 -6.76 -19.04 12.62
C LEU B 282 -7.90 -18.24 12.02
N TRP B 283 -8.88 -18.96 11.46
CA TRP B 283 -9.96 -18.35 10.70
C TRP B 283 -11.31 -18.82 11.26
N ARG B 284 -12.27 -17.88 11.30
CA ARG B 284 -13.62 -18.11 11.80
C ARG B 284 -14.60 -17.98 10.64
N LYS B 285 -15.52 -18.93 10.50
CA LYS B 285 -16.56 -18.82 9.49
C LYS B 285 -17.41 -17.56 9.72
N LYS B 286 -17.88 -16.93 8.64
CA LYS B 286 -18.62 -15.67 8.73
C LYS B 286 -20.07 -15.90 9.19
S SO4 C . -15.13 10.42 -13.11
O1 SO4 C . -15.53 9.14 -13.67
O2 SO4 C . -14.49 11.23 -14.13
O3 SO4 C . -16.30 11.09 -12.60
O4 SO4 C . -14.19 10.21 -12.03
S SO4 D . 9.18 7.18 -7.56
O1 SO4 D . 9.57 6.81 -8.91
O2 SO4 D . 8.71 8.54 -7.54
O3 SO4 D . 8.13 6.30 -7.09
O4 SO4 D . 10.32 7.05 -6.69
S SO4 E . -7.77 -10.15 5.34
O1 SO4 E . -8.92 -10.08 4.46
O2 SO4 E . -6.72 -9.30 4.81
O3 SO4 E . -8.16 -9.71 6.67
O4 SO4 E . -7.32 -11.53 5.40
S SO4 F . 11.05 -1.47 19.56
O1 SO4 F . 10.01 -1.18 18.58
O2 SO4 F . 11.33 -0.27 20.31
O3 SO4 F . 10.58 -2.51 20.44
O4 SO4 F . 12.26 -1.91 18.88
#